data_5IGP
#
_entry.id   5IGP
#
_cell.length_a   45.140
_cell.length_b   45.140
_cell.length_c   247.050
_cell.angle_alpha   90.000
_cell.angle_beta   90.000
_cell.angle_gamma   120.000
#
_symmetry.space_group_name_H-M   'P 32 2 1'
#
loop_
_entity.id
_entity.type
_entity.pdbx_description
1 polymer "Macrolide 2'-phosphotransferase"
2 non-polymer "GUANOSINE-5'-DIPHOSPHATE"
3 non-polymer 'ERYTHROMYCIN A'
4 non-polymer 'ISOPROPYL ALCOHOL'
5 water water
#
_entity_poly.entity_id   1
_entity_poly.type   'polypeptide(L)'
_entity_poly.pdbx_seq_one_letter_code
;MTVVTTADTSQLYALAARHGLKLHGPLTVNELGLDYRIVIATVDDGRRWVLRIPRRAEVSAKVEPEARVLAMLKNRLPFA
VPDWRVANAELVAYPMLEDSTAMVIQPGSSTPDWVVPQDSEVFAESFATALAALHAVPISAAVDAGMLIRTPTQARQKVA
DDVDRVRREFVVNDKRLHRWQRWLDDDSSWPDFSVVVHGDLYVGHVLIDNTERVSGMIDWSEARVDDPAIDMAAHLMVFG
EEGLAKLLLTYEAAGGRVWPRLAHHIAERLAFGAVTYALFALDSGNEEYLAAAKAQLAAAE
;
_entity_poly.pdbx_strand_id   A
#
# COMPACT_ATOMS: atom_id res chain seq x y z
N THR A 2 5.49 34.10 20.29
CA THR A 2 5.42 32.64 20.23
C THR A 2 6.35 32.13 19.14
N VAL A 3 6.13 30.87 18.75
CA VAL A 3 6.86 30.24 17.66
C VAL A 3 5.88 29.69 16.63
N VAL A 4 6.04 30.09 15.38
CA VAL A 4 5.22 29.51 14.31
C VAL A 4 5.54 28.04 14.18
N THR A 5 4.50 27.19 14.15
CA THR A 5 4.66 25.77 13.99
C THR A 5 3.76 25.30 12.87
N THR A 6 4.15 24.25 12.18
CA THR A 6 3.36 23.76 11.05
C THR A 6 2.00 23.21 11.46
N ALA A 7 1.93 22.50 12.58
CA ALA A 7 0.64 21.95 13.03
C ALA A 7 -0.21 23.04 13.66
N ASP A 8 -1.51 23.05 13.34
CA ASP A 8 -2.46 23.89 14.03
C ASP A 8 -3.04 23.09 15.19
N THR A 9 -2.42 23.23 16.35
CA THR A 9 -2.72 22.37 17.48
C THR A 9 -4.15 22.54 17.97
N SER A 10 -4.65 23.76 17.92
CA SER A 10 -6.01 24.06 18.36
C SER A 10 -7.05 23.35 17.52
N GLN A 11 -6.91 23.44 16.20
CA GLN A 11 -7.84 22.79 15.31
C GLN A 11 -7.73 21.27 15.43
N LEU A 12 -6.51 20.77 15.60
CA LEU A 12 -6.31 19.33 15.72
C LEU A 12 -6.95 18.84 17.01
N TYR A 13 -6.76 19.60 18.09
CA TYR A 13 -7.34 19.23 19.37
C TYR A 13 -8.85 19.15 19.25
N ALA A 14 -9.44 20.13 18.58
CA ALA A 14 -10.90 20.20 18.47
C ALA A 14 -11.42 19.04 17.64
N LEU A 15 -10.70 18.73 16.56
CA LEU A 15 -11.14 17.66 15.68
C LEU A 15 -11.09 16.34 16.46
N ALA A 16 -9.99 16.08 17.14
CA ALA A 16 -9.85 14.83 17.89
C ALA A 16 -10.90 14.72 18.99
N ALA A 17 -11.14 15.83 19.70
CA ALA A 17 -12.03 15.79 20.86
C ALA A 17 -13.47 15.47 20.45
N ARG A 18 -13.87 15.90 19.26
CA ARG A 18 -15.20 15.56 18.73
C ARG A 18 -15.42 14.08 18.56
N HIS A 19 -14.34 13.32 18.56
CA HIS A 19 -14.40 11.88 18.34
C HIS A 19 -13.85 11.10 19.49
N GLY A 20 -13.80 11.74 20.66
CA GLY A 20 -13.50 11.04 21.90
C GLY A 20 -12.04 10.88 22.25
N LEU A 21 -11.19 11.62 21.54
CA LEU A 21 -9.75 11.50 21.70
C LEU A 21 -9.20 12.84 22.23
N LYS A 22 -8.49 12.80 23.36
CA LYS A 22 -7.98 14.03 23.98
C LYS A 22 -6.49 14.15 23.73
N LEU A 23 -6.08 15.05 22.84
CA LEU A 23 -4.66 15.19 22.54
C LEU A 23 -3.95 15.93 23.64
N HIS A 24 -2.76 15.47 24.00
CA HIS A 24 -1.95 16.11 25.02
C HIS A 24 -0.52 15.67 24.83
N GLY A 25 0.39 16.61 24.60
CA GLY A 25 1.79 16.25 24.43
C GLY A 25 2.26 16.35 22.99
N PRO A 26 3.46 15.84 22.73
CA PRO A 26 4.12 16.03 21.44
C PRO A 26 3.32 15.52 20.27
N LEU A 27 3.38 16.24 19.15
CA LEU A 27 2.91 15.69 17.89
C LEU A 27 3.84 16.01 16.69
N THR A 28 3.62 15.30 15.60
N THR A 28 3.60 15.30 15.60
CA THR A 28 4.37 15.46 14.35
CA THR A 28 4.33 15.45 14.34
C THR A 28 3.39 15.39 13.18
C THR A 28 3.32 15.47 13.20
N VAL A 29 3.66 16.10 12.08
N VAL A 29 3.63 16.15 12.10
CA VAL A 29 2.67 16.25 11.01
CA VAL A 29 2.68 16.27 10.99
C VAL A 29 3.25 16.11 9.61
C VAL A 29 3.31 16.04 9.64
N ASN A 30 2.61 15.27 8.79
CA ASN A 30 3.04 15.03 7.43
C ASN A 30 1.91 15.50 6.53
N GLU A 31 2.19 16.58 5.83
CA GLU A 31 1.19 17.29 5.02
C GLU A 31 1.42 16.98 3.55
N LEU A 32 2.32 16.06 3.26
CA LEU A 32 2.74 15.82 1.87
C LEU A 32 1.80 14.90 1.12
N GLY A 33 0.97 14.15 1.84
CA GLY A 33 0.00 13.27 1.21
C GLY A 33 -1.03 14.06 0.43
N LEU A 34 -1.47 13.52 -0.70
CA LEU A 34 -2.40 14.25 -1.55
C LEU A 34 -3.84 14.06 -1.10
N ASP A 35 -4.10 13.00 -0.35
CA ASP A 35 -5.47 12.68 0.03
C ASP A 35 -5.73 12.86 1.53
N TYR A 36 -4.72 12.62 2.36
CA TYR A 36 -4.82 12.71 3.82
C TYR A 36 -3.70 13.56 4.41
N ARG A 37 -3.99 14.24 5.52
CA ARG A 37 -2.97 14.81 6.36
C ARG A 37 -2.72 13.74 7.42
N ILE A 38 -1.47 13.52 7.80
CA ILE A 38 -1.14 12.46 8.73
C ILE A 38 -0.48 13.10 9.91
N VAL A 39 -1.06 12.89 11.09
CA VAL A 39 -0.50 13.46 12.30
C VAL A 39 -0.25 12.33 13.27
N ILE A 40 0.94 12.29 13.84
CA ILE A 40 1.16 11.36 14.94
C ILE A 40 1.19 12.20 16.20
N ALA A 41 0.25 11.92 17.10
CA ALA A 41 -0.01 12.77 18.26
C ALA A 41 -0.07 11.97 19.53
N THR A 42 0.32 12.60 20.63
CA THR A 42 0.22 11.94 21.92
C THR A 42 -1.16 12.24 22.49
N VAL A 43 -1.75 11.24 23.11
CA VAL A 43 -3.08 11.35 23.67
C VAL A 43 -3.00 11.19 25.19
N ASP A 44 -4.09 11.49 25.89
CA ASP A 44 -4.05 11.46 27.35
C ASP A 44 -3.95 10.03 27.91
N ASP A 45 -4.01 9.01 27.06
CA ASP A 45 -3.71 7.65 27.53
C ASP A 45 -2.20 7.41 27.56
N GLY A 46 -1.41 8.47 27.35
CA GLY A 46 0.04 8.35 27.30
C GLY A 46 0.54 7.72 26.01
N ARG A 47 -0.36 7.28 25.15
CA ARG A 47 0.00 6.63 23.88
C ARG A 47 0.07 7.61 22.71
N ARG A 48 0.86 7.26 21.71
CA ARG A 48 0.81 7.95 20.43
C ARG A 48 -0.31 7.33 19.60
N TRP A 49 -1.06 8.21 18.93
CA TRP A 49 -2.09 7.78 17.98
C TRP A 49 -1.77 8.40 16.65
N VAL A 50 -2.17 7.69 15.59
CA VAL A 50 -2.08 8.23 14.25
C VAL A 50 -3.43 8.83 13.89
N LEU A 51 -3.43 10.10 13.47
CA LEU A 51 -4.61 10.76 12.96
C LEU A 51 -4.44 10.84 11.45
N ARG A 52 -5.40 10.23 10.75
N ARG A 52 -5.35 10.16 10.75
CA ARG A 52 -5.41 10.17 9.32
CA ARG A 52 -5.40 10.18 9.29
C ARG A 52 -6.59 11.04 8.90
C ARG A 52 -6.58 11.05 8.92
N ILE A 53 -6.30 12.24 8.40
CA ILE A 53 -7.34 13.23 8.20
C ILE A 53 -7.67 13.41 6.72
N PRO A 54 -8.85 12.90 6.28
CA PRO A 54 -9.24 13.07 4.87
C PRO A 54 -9.31 14.54 4.47
N ARG A 55 -8.74 14.87 3.31
CA ARG A 55 -8.67 16.25 2.84
C ARG A 55 -9.95 16.71 2.15
N ARG A 56 -10.66 15.77 1.53
CA ARG A 56 -11.80 16.13 0.69
C ARG A 56 -12.89 15.09 0.74
N ALA A 57 -14.10 15.49 0.32
CA ALA A 57 -15.23 14.57 0.35
C ALA A 57 -14.95 13.27 -0.40
N GLU A 58 -14.27 13.35 -1.54
CA GLU A 58 -13.98 12.12 -2.30
C GLU A 58 -13.08 11.15 -1.54
N VAL A 59 -12.27 11.67 -0.65
CA VAL A 59 -11.40 10.82 0.18
C VAL A 59 -12.19 10.28 1.35
N SER A 60 -13.00 11.14 1.96
CA SER A 60 -13.88 10.73 3.05
C SER A 60 -14.72 9.52 2.68
N ALA A 61 -15.20 9.48 1.45
CA ALA A 61 -16.04 8.38 0.99
C ALA A 61 -15.39 7.00 1.10
N LYS A 62 -14.06 6.96 1.15
CA LYS A 62 -13.32 5.68 1.16
C LYS A 62 -13.13 5.15 2.58
N VAL A 63 -13.43 5.97 3.57
CA VAL A 63 -13.17 5.57 4.95
C VAL A 63 -14.00 4.35 5.36
N GLU A 64 -15.31 4.37 5.13
CA GLU A 64 -16.15 3.32 5.70
C GLU A 64 -15.83 1.97 5.07
N PRO A 65 -15.59 1.94 3.75
CA PRO A 65 -15.22 0.64 3.21
C PRO A 65 -13.89 0.09 3.73
N GLU A 66 -12.88 0.95 3.93
CA GLU A 66 -11.61 0.47 4.46
C GLU A 66 -11.79 0.03 5.90
N ALA A 67 -12.68 0.70 6.64
CA ALA A 67 -12.93 0.28 8.00
C ALA A 67 -13.45 -1.16 8.06
N ARG A 68 -14.32 -1.51 7.10
CA ARG A 68 -14.86 -2.87 7.05
C ARG A 68 -13.78 -3.88 6.70
N VAL A 69 -12.87 -3.49 5.82
CA VAL A 69 -11.71 -4.32 5.52
C VAL A 69 -10.90 -4.61 6.76
N LEU A 70 -10.54 -3.58 7.51
CA LEU A 70 -9.67 -3.79 8.66
C LEU A 70 -10.37 -4.55 9.76
N ALA A 71 -11.66 -4.31 9.88
CA ALA A 71 -12.43 -5.05 10.87
C ALA A 71 -12.37 -6.55 10.58
N MET A 72 -12.43 -6.90 9.31
CA MET A 72 -12.42 -8.30 8.93
C MET A 72 -11.06 -8.91 9.10
N LEU A 73 -10.04 -8.13 8.77
CA LEU A 73 -8.69 -8.67 8.76
C LEU A 73 -8.10 -8.88 10.15
N LYS A 74 -8.57 -8.12 11.14
CA LYS A 74 -7.91 -8.08 12.46
C LYS A 74 -7.57 -9.48 13.01
N ASN A 75 -8.56 -10.36 13.17
CA ASN A 75 -8.32 -11.70 13.75
C ASN A 75 -7.75 -12.71 12.76
N ARG A 76 -7.69 -12.32 11.50
CA ARG A 76 -7.34 -13.25 10.44
C ARG A 76 -5.92 -13.10 9.96
N LEU A 77 -5.10 -12.31 10.66
CA LEU A 77 -3.71 -12.10 10.27
C LEU A 77 -2.82 -12.26 11.52
N PRO A 78 -1.70 -12.97 11.38
CA PRO A 78 -0.75 -13.19 12.48
C PRO A 78 0.22 -12.02 12.61
N PHE A 79 -0.25 -10.83 12.30
CA PHE A 79 0.51 -9.62 12.48
C PHE A 79 -0.52 -8.51 12.65
N ALA A 80 -0.05 -7.37 13.11
CA ALA A 80 -0.94 -6.28 13.47
C ALA A 80 -1.35 -5.45 12.25
N VAL A 81 -2.57 -4.90 12.31
CA VAL A 81 -3.01 -3.89 11.37
C VAL A 81 -3.63 -2.73 12.15
N PRO A 82 -3.77 -1.55 11.53
CA PRO A 82 -4.34 -0.43 12.30
C PRO A 82 -5.73 -0.74 12.89
N ASP A 83 -5.92 -0.38 14.15
CA ASP A 83 -7.17 -0.59 14.87
C ASP A 83 -7.90 0.75 14.88
N TRP A 84 -8.73 0.95 13.86
CA TRP A 84 -9.40 2.22 13.65
C TRP A 84 -10.50 2.44 14.69
N ARG A 85 -10.11 2.93 15.85
CA ARG A 85 -11.07 3.12 16.93
C ARG A 85 -11.92 4.35 16.64
N VAL A 86 -11.39 5.23 15.80
CA VAL A 86 -12.18 6.30 15.22
C VAL A 86 -12.15 6.13 13.71
N ALA A 87 -13.34 6.10 13.09
CA ALA A 87 -13.42 5.99 11.65
C ALA A 87 -14.66 6.68 11.17
N ASN A 88 -14.46 7.89 10.65
CA ASN A 88 -15.55 8.65 10.11
C ASN A 88 -15.01 9.57 9.03
N ALA A 89 -15.91 10.29 8.38
CA ALA A 89 -15.54 11.08 7.23
C ALA A 89 -14.53 12.18 7.54
N GLU A 90 -14.54 12.70 8.76
CA GLU A 90 -13.60 13.79 9.03
C GLU A 90 -12.32 13.35 9.73
N LEU A 91 -12.30 12.12 10.23
CA LEU A 91 -11.12 11.63 10.95
C LEU A 91 -11.08 10.12 11.05
N VAL A 92 -9.92 9.56 10.71
CA VAL A 92 -9.57 8.20 11.11
C VAL A 92 -8.50 8.32 12.19
N ALA A 93 -8.60 7.52 13.23
CA ALA A 93 -7.57 7.50 14.25
C ALA A 93 -7.37 6.11 14.82
N TYR A 94 -6.10 5.76 15.03
CA TYR A 94 -5.75 4.49 15.61
C TYR A 94 -4.52 4.62 16.49
N PRO A 95 -4.44 3.76 17.51
CA PRO A 95 -3.23 3.78 18.31
C PRO A 95 -2.05 3.43 17.40
N MET A 96 -0.97 4.17 17.53
CA MET A 96 0.17 3.95 16.67
C MET A 96 0.71 2.56 16.91
N LEU A 97 1.00 1.87 15.82
CA LEU A 97 1.76 0.63 15.89
C LEU A 97 3.23 1.05 15.95
N GLU A 98 3.81 0.95 17.12
CA GLU A 98 5.08 1.61 17.37
C GLU A 98 6.30 1.00 16.66
N ASP A 99 6.19 -0.23 16.18
CA ASP A 99 7.28 -0.83 15.44
C ASP A 99 7.58 -0.02 14.19
N SER A 100 8.86 0.03 13.83
CA SER A 100 9.30 0.78 12.69
C SER A 100 8.77 0.17 11.38
N THR A 101 8.56 1.00 10.37
CA THR A 101 8.45 0.54 9.01
C THR A 101 9.77 -0.08 8.57
N ALA A 102 9.73 -0.95 7.58
CA ALA A 102 10.92 -1.65 7.08
C ALA A 102 11.76 -0.80 6.13
N MET A 103 11.35 0.44 5.99
N MET A 103 11.32 0.44 5.93
CA MET A 103 12.18 1.44 5.39
CA MET A 103 12.08 1.48 5.24
C MET A 103 11.90 2.73 6.11
C MET A 103 11.86 2.78 6.01
N VAL A 104 12.93 3.52 6.26
CA VAL A 104 12.83 4.80 6.93
C VAL A 104 13.20 5.90 5.94
N ILE A 105 12.33 6.89 5.82
CA ILE A 105 12.57 8.00 4.89
C ILE A 105 12.02 9.28 5.49
N GLN A 106 12.79 10.34 5.32
CA GLN A 106 12.41 11.65 5.84
C GLN A 106 11.36 12.27 4.93
N PRO A 107 10.34 12.90 5.51
CA PRO A 107 9.28 13.47 4.66
C PRO A 107 9.84 14.42 3.62
N GLY A 108 9.43 14.25 2.36
CA GLY A 108 9.88 15.11 1.28
C GLY A 108 11.04 14.52 0.50
N SER A 109 11.79 13.65 1.15
CA SER A 109 12.99 13.10 0.55
C SER A 109 12.67 12.08 -0.52
N SER A 110 13.55 11.98 -1.51
N SER A 110 13.55 11.98 -1.51
CA SER A 110 13.42 10.95 -2.55
CA SER A 110 13.44 10.96 -2.55
C SER A 110 14.32 9.75 -2.26
C SER A 110 14.28 9.73 -2.22
N THR A 111 15.07 9.80 -1.16
CA THR A 111 16.01 8.76 -0.82
C THR A 111 15.79 8.33 0.62
N PRO A 112 15.50 7.04 0.85
CA PRO A 112 15.39 6.54 2.22
C PRO A 112 16.66 6.71 3.00
N ASP A 113 16.53 6.85 4.33
CA ASP A 113 17.67 6.73 5.22
C ASP A 113 18.15 5.29 5.32
N TRP A 114 17.21 4.35 5.25
CA TRP A 114 17.49 2.96 5.57
C TRP A 114 16.40 2.08 4.99
N VAL A 115 16.79 0.89 4.54
CA VAL A 115 15.85 -0.16 4.16
C VAL A 115 16.37 -1.44 4.80
N VAL A 116 15.46 -2.29 5.29
CA VAL A 116 15.86 -3.56 5.87
C VAL A 116 16.78 -4.28 4.86
N PRO A 117 17.88 -4.85 5.35
CA PRO A 117 18.91 -5.36 4.44
C PRO A 117 18.47 -6.56 3.63
N GLN A 118 19.02 -6.64 2.42
CA GLN A 118 18.84 -7.79 1.55
C GLN A 118 19.15 -9.09 2.27
N ASP A 119 20.21 -9.11 3.07
CA ASP A 119 20.63 -10.37 3.71
C ASP A 119 19.95 -10.59 5.05
N SER A 120 18.89 -9.84 5.35
CA SER A 120 18.12 -10.13 6.56
C SER A 120 17.24 -11.33 6.32
N GLU A 121 17.64 -12.48 6.83
CA GLU A 121 16.89 -13.70 6.60
C GLU A 121 15.61 -13.67 7.39
N VAL A 122 15.65 -13.09 8.59
CA VAL A 122 14.45 -12.96 9.41
C VAL A 122 13.39 -12.13 8.67
N PHE A 123 13.77 -11.00 8.09
CA PHE A 123 12.81 -10.22 7.34
C PHE A 123 12.27 -10.99 6.13
N ALA A 124 13.19 -11.53 5.33
CA ALA A 124 12.78 -12.23 4.11
C ALA A 124 11.79 -13.33 4.43
N GLU A 125 12.12 -14.15 5.42
CA GLU A 125 11.30 -15.31 5.68
C GLU A 125 9.94 -14.91 6.27
N SER A 126 9.95 -13.94 7.18
CA SER A 126 8.73 -13.52 7.84
C SER A 126 7.82 -12.71 6.92
N PHE A 127 8.41 -12.01 5.96
CA PHE A 127 7.59 -11.31 4.99
C PHE A 127 6.91 -12.34 4.11
N ALA A 128 7.64 -13.37 3.71
CA ALA A 128 7.05 -14.39 2.85
C ALA A 128 5.92 -15.12 3.54
N THR A 129 6.08 -15.49 4.81
CA THR A 129 5.00 -16.17 5.54
C THR A 129 3.84 -15.24 5.85
N ALA A 130 4.11 -13.96 6.12
CA ALA A 130 3.06 -13.01 6.37
C ALA A 130 2.23 -12.84 5.10
N LEU A 131 2.90 -12.84 3.96
CA LEU A 131 2.19 -12.66 2.69
C LEU A 131 1.35 -13.89 2.38
N ALA A 132 1.88 -15.08 2.61
CA ALA A 132 1.08 -16.29 2.44
C ALA A 132 -0.15 -16.23 3.36
N ALA A 133 0.02 -15.76 4.59
CA ALA A 133 -1.12 -15.65 5.52
C ALA A 133 -2.18 -14.70 4.98
N LEU A 134 -1.78 -13.54 4.50
CA LEU A 134 -2.74 -12.58 3.98
C LEU A 134 -3.49 -13.18 2.81
N HIS A 135 -2.74 -13.82 1.91
CA HIS A 135 -3.37 -14.33 0.70
C HIS A 135 -4.20 -15.57 0.97
N ALA A 136 -4.15 -16.07 2.20
CA ALA A 136 -4.97 -17.20 2.60
C ALA A 136 -6.31 -16.76 3.20
N VAL A 137 -6.54 -15.47 3.38
CA VAL A 137 -7.80 -15.01 3.92
C VAL A 137 -8.91 -15.45 2.96
N PRO A 138 -9.95 -16.11 3.50
CA PRO A 138 -11.00 -16.60 2.60
C PRO A 138 -11.71 -15.51 1.82
N ILE A 139 -12.00 -15.80 0.56
CA ILE A 139 -12.74 -14.88 -0.28
C ILE A 139 -14.09 -14.61 0.34
N SER A 140 -14.71 -15.62 0.93
CA SER A 140 -16.01 -15.42 1.57
C SER A 140 -15.94 -14.31 2.62
N ALA A 141 -14.84 -14.22 3.36
CA ALA A 141 -14.68 -13.16 4.37
C ALA A 141 -14.59 -11.79 3.71
N ALA A 142 -13.91 -11.71 2.59
CA ALA A 142 -13.84 -10.47 1.84
C ALA A 142 -15.20 -10.02 1.32
N VAL A 143 -15.96 -10.99 0.81
CA VAL A 143 -17.31 -10.69 0.31
C VAL A 143 -18.24 -10.22 1.43
N ASP A 144 -18.22 -10.93 2.55
CA ASP A 144 -19.00 -10.56 3.72
C ASP A 144 -18.62 -9.15 4.22
N ALA A 145 -17.36 -8.75 4.02
CA ALA A 145 -16.90 -7.40 4.40
C ALA A 145 -17.10 -6.33 3.33
N GLY A 146 -17.77 -6.67 2.22
CA GLY A 146 -18.06 -5.68 1.21
C GLY A 146 -16.88 -5.21 0.40
N MET A 147 -15.84 -6.02 0.35
CA MET A 147 -14.65 -5.66 -0.39
C MET A 147 -14.90 -5.65 -1.89
N LEU A 148 -14.04 -4.92 -2.58
CA LEU A 148 -14.00 -4.97 -4.03
C LEU A 148 -13.45 -6.32 -4.44
N ILE A 149 -14.22 -7.02 -5.28
CA ILE A 149 -13.86 -8.35 -5.72
C ILE A 149 -13.59 -8.35 -7.22
N ARG A 150 -12.41 -8.85 -7.60
CA ARG A 150 -12.11 -9.11 -9.00
C ARG A 150 -11.79 -10.58 -9.21
N THR A 151 -12.61 -11.23 -10.05
CA THR A 151 -12.25 -12.54 -10.56
C THR A 151 -11.00 -12.43 -11.41
N PRO A 152 -10.40 -13.57 -11.76
CA PRO A 152 -9.23 -13.51 -12.64
C PRO A 152 -9.50 -12.75 -13.95
N THR A 153 -10.67 -12.96 -14.53
CA THR A 153 -11.02 -12.21 -15.75
C THR A 153 -11.13 -10.69 -15.48
N GLN A 154 -11.76 -10.35 -14.38
CA GLN A 154 -11.91 -8.94 -13.97
C GLN A 154 -10.56 -8.32 -13.65
N ALA A 155 -9.67 -9.10 -13.08
CA ALA A 155 -8.33 -8.60 -12.69
C ALA A 155 -7.57 -8.20 -13.97
N ARG A 156 -7.65 -9.05 -14.97
CA ARG A 156 -6.98 -8.82 -16.23
C ARG A 156 -7.63 -7.67 -16.99
N GLN A 157 -8.96 -7.62 -16.97
CA GLN A 157 -9.68 -6.49 -17.55
C GLN A 157 -9.29 -5.14 -16.94
N LYS A 158 -9.08 -5.11 -15.63
CA LYS A 158 -8.71 -3.89 -14.93
C LYS A 158 -7.36 -3.38 -15.45
N VAL A 159 -6.41 -4.30 -15.61
CA VAL A 159 -5.11 -3.94 -16.16
C VAL A 159 -5.26 -3.39 -17.58
N ALA A 160 -6.06 -4.08 -18.40
CA ALA A 160 -6.34 -3.58 -19.73
C ALA A 160 -6.95 -2.17 -19.73
N ASP A 161 -7.86 -1.92 -18.80
CA ASP A 161 -8.54 -0.65 -18.73
C ASP A 161 -7.58 0.45 -18.33
N ASP A 162 -6.68 0.14 -17.41
CA ASP A 162 -5.71 1.12 -16.93
C ASP A 162 -4.76 1.49 -18.09
N VAL A 163 -4.29 0.46 -18.79
CA VAL A 163 -3.44 0.65 -19.95
C VAL A 163 -4.10 1.52 -20.98
N ASP A 164 -5.37 1.24 -21.25
CA ASP A 164 -6.08 2.02 -22.25
C ASP A 164 -6.33 3.46 -21.82
N ARG A 165 -6.54 3.69 -20.53
CA ARG A 165 -6.69 5.04 -20.04
C ARG A 165 -5.38 5.81 -20.22
N VAL A 166 -4.25 5.18 -19.89
CA VAL A 166 -2.96 5.81 -20.16
C VAL A 166 -2.78 6.12 -21.64
N ARG A 167 -3.18 5.20 -22.51
CA ARG A 167 -3.05 5.41 -23.96
C ARG A 167 -3.86 6.60 -24.47
N ARG A 168 -5.01 6.85 -23.85
CA ARG A 168 -5.85 7.97 -24.22
C ARG A 168 -5.30 9.32 -23.79
N GLU A 169 -4.56 9.33 -22.68
CA GLU A 169 -4.21 10.57 -22.03
C GLU A 169 -2.73 10.97 -22.23
N PHE A 170 -1.89 9.99 -22.57
CA PHE A 170 -0.46 10.20 -22.67
C PHE A 170 0.02 9.66 -24.00
N VAL A 171 1.24 9.98 -24.37
CA VAL A 171 1.92 9.33 -25.47
C VAL A 171 3.00 8.41 -24.91
N VAL A 172 2.86 7.13 -25.19
CA VAL A 172 3.71 6.09 -24.58
C VAL A 172 4.71 5.54 -25.61
N ASN A 173 5.94 5.31 -25.15
CA ASN A 173 6.95 4.63 -25.94
C ASN A 173 6.38 3.38 -26.60
N ASP A 174 6.64 3.22 -27.90
CA ASP A 174 6.03 2.12 -28.65
C ASP A 174 6.36 0.74 -28.06
N LYS A 175 7.59 0.53 -27.62
CA LYS A 175 7.99 -0.78 -27.13
C LYS A 175 7.40 -1.07 -25.77
N ARG A 176 7.27 -0.03 -24.98
CA ARG A 176 6.64 -0.13 -23.69
C ARG A 176 5.19 -0.55 -23.86
N LEU A 177 4.51 0.12 -24.77
CA LEU A 177 3.11 -0.18 -25.00
C LEU A 177 2.94 -1.64 -25.47
N HIS A 178 3.83 -2.06 -26.36
CA HIS A 178 3.74 -3.40 -26.88
C HIS A 178 4.06 -4.44 -25.82
N ARG A 179 4.95 -4.08 -24.91
CA ARG A 179 5.22 -4.96 -23.78
C ARG A 179 3.92 -5.25 -23.01
N TRP A 180 3.18 -4.20 -22.67
CA TRP A 180 1.98 -4.36 -21.86
C TRP A 180 0.94 -5.17 -22.64
N GLN A 181 0.84 -4.89 -23.92
CA GLN A 181 -0.15 -5.59 -24.75
C GLN A 181 0.19 -7.07 -24.90
N ARG A 182 1.46 -7.38 -25.13
CA ARG A 182 1.90 -8.79 -25.17
C ARG A 182 1.61 -9.51 -23.86
N TRP A 183 1.87 -8.85 -22.73
CA TRP A 183 1.56 -9.40 -21.43
C TRP A 183 0.06 -9.70 -21.28
N LEU A 184 -0.76 -8.72 -21.65
CA LEU A 184 -2.22 -8.88 -21.53
C LEU A 184 -2.70 -10.02 -22.39
N ASP A 185 -1.99 -10.31 -23.47
CA ASP A 185 -2.36 -11.40 -24.38
C ASP A 185 -1.75 -12.75 -24.04
N ASP A 186 -0.91 -12.79 -23.03
CA ASP A 186 -0.10 -13.98 -22.74
C ASP A 186 -0.81 -14.80 -21.68
N ASP A 187 -1.71 -15.68 -22.12
CA ASP A 187 -2.55 -16.42 -21.18
C ASP A 187 -1.77 -17.11 -20.06
N SER A 188 -0.60 -17.65 -20.36
CA SER A 188 0.13 -18.45 -19.38
C SER A 188 0.64 -17.59 -18.21
N SER A 189 0.68 -16.28 -18.39
CA SER A 189 1.25 -15.43 -17.36
C SER A 189 0.24 -15.22 -16.21
N TRP A 190 -1.05 -15.22 -16.54
CA TRP A 190 -2.12 -14.79 -15.67
C TRP A 190 -2.60 -15.90 -14.74
N PRO A 191 -2.87 -15.54 -13.48
CA PRO A 191 -3.39 -16.54 -12.57
C PRO A 191 -4.83 -16.91 -12.86
N ASP A 192 -5.18 -18.13 -12.46
CA ASP A 192 -6.53 -18.61 -12.62
C ASP A 192 -7.32 -18.51 -11.30
N PHE A 193 -6.84 -17.67 -10.39
CA PHE A 193 -7.52 -17.42 -9.14
C PHE A 193 -7.12 -16.04 -8.66
N SER A 194 -7.93 -15.52 -7.72
CA SER A 194 -7.64 -14.25 -7.03
C SER A 194 -7.54 -14.49 -5.54
N VAL A 195 -6.91 -13.54 -4.86
CA VAL A 195 -6.76 -13.57 -3.41
C VAL A 195 -6.98 -12.20 -2.80
N VAL A 196 -7.17 -12.16 -1.48
CA VAL A 196 -7.15 -10.89 -0.77
C VAL A 196 -5.73 -10.29 -0.88
N VAL A 197 -5.62 -9.13 -1.50
CA VAL A 197 -4.33 -8.42 -1.60
C VAL A 197 -4.36 -7.13 -0.80
N HIS A 198 -3.18 -6.75 -0.33
CA HIS A 198 -2.97 -5.48 0.31
C HIS A 198 -3.13 -4.34 -0.70
N GLY A 199 -2.55 -4.50 -1.89
CA GLY A 199 -2.74 -3.54 -2.97
C GLY A 199 -1.74 -2.40 -3.10
N ASP A 200 -1.04 -2.13 -2.01
CA ASP A 200 -0.01 -1.08 -2.02
C ASP A 200 1.15 -1.49 -1.14
N LEU A 201 1.64 -2.72 -1.36
CA LEU A 201 2.53 -3.36 -0.38
C LEU A 201 3.97 -3.23 -0.81
N TYR A 202 4.77 -2.58 0.04
CA TYR A 202 6.21 -2.48 -0.13
C TYR A 202 6.79 -2.24 1.25
N VAL A 203 8.11 -2.21 1.34
CA VAL A 203 8.78 -2.06 2.64
C VAL A 203 8.27 -0.89 3.48
N GLY A 204 7.85 0.19 2.83
CA GLY A 204 7.33 1.36 3.54
C GLY A 204 6.02 1.14 4.25
N HIS A 205 5.31 0.08 3.89
CA HIS A 205 4.02 -0.25 4.52
C HIS A 205 4.05 -1.51 5.38
N VAL A 206 5.25 -2.05 5.59
CA VAL A 206 5.45 -3.24 6.44
C VAL A 206 6.13 -2.80 7.72
N LEU A 207 5.60 -3.23 8.86
CA LEU A 207 6.24 -2.94 10.15
C LEU A 207 7.06 -4.15 10.60
N ILE A 208 8.19 -3.88 11.26
CA ILE A 208 9.08 -4.92 11.73
C ILE A 208 9.43 -4.67 13.18
N ASP A 209 9.62 -5.73 13.94
CA ASP A 209 10.14 -5.58 15.30
C ASP A 209 11.66 -5.37 15.23
N ASN A 210 12.31 -5.18 16.37
CA ASN A 210 13.72 -4.79 16.29
C ASN A 210 14.67 -5.93 15.85
N THR A 211 14.15 -7.16 15.76
CA THR A 211 14.85 -8.28 15.12
C THR A 211 14.64 -8.35 13.60
N GLU A 212 13.79 -7.47 13.09
CA GLU A 212 13.49 -7.33 11.66
C GLU A 212 12.44 -8.34 11.23
N ARG A 213 11.73 -8.88 12.19
CA ARG A 213 10.62 -9.78 11.90
C ARG A 213 9.36 -8.98 11.60
N VAL A 214 8.63 -9.35 10.55
CA VAL A 214 7.41 -8.64 10.20
C VAL A 214 6.42 -8.74 11.35
N SER A 215 5.91 -7.59 11.76
CA SER A 215 5.03 -7.53 12.90
C SER A 215 3.72 -6.85 12.58
N GLY A 216 3.62 -6.22 11.41
CA GLY A 216 2.40 -5.53 11.04
C GLY A 216 2.44 -5.00 9.61
N MET A 217 1.31 -4.54 9.11
CA MET A 217 1.25 -3.86 7.81
C MET A 217 0.27 -2.72 7.96
N ILE A 218 0.55 -1.62 7.27
CA ILE A 218 -0.27 -0.41 7.35
C ILE A 218 -0.73 0.04 5.95
N ASP A 219 -1.63 1.01 5.91
N ASP A 219 -1.56 1.07 5.94
CA ASP A 219 -2.04 1.66 4.68
CA ASP A 219 -2.17 1.68 4.75
C ASP A 219 -2.79 0.70 3.76
C ASP A 219 -2.79 0.68 3.81
N TRP A 220 -3.98 0.27 4.20
CA TRP A 220 -4.78 -0.74 3.50
C TRP A 220 -5.81 -0.19 2.51
N SER A 221 -5.65 1.07 2.10
N SER A 221 -5.64 1.07 2.09
CA SER A 221 -6.66 1.72 1.25
CA SER A 221 -6.65 1.73 1.25
C SER A 221 -6.88 1.00 -0.08
C SER A 221 -6.82 1.12 -0.13
N GLU A 222 -5.87 0.33 -0.59
CA GLU A 222 -5.96 -0.33 -1.91
C GLU A 222 -6.34 -1.82 -1.84
N ALA A 223 -6.69 -2.29 -0.65
CA ALA A 223 -6.99 -3.71 -0.47
C ALA A 223 -8.26 -4.13 -1.19
N ARG A 224 -8.24 -5.35 -1.68
CA ARG A 224 -9.28 -5.88 -2.55
C ARG A 224 -8.97 -7.33 -2.82
N VAL A 225 -9.85 -8.02 -3.54
CA VAL A 225 -9.55 -9.37 -4.00
C VAL A 225 -9.13 -9.25 -5.45
N ASP A 226 -7.93 -9.74 -5.81
CA ASP A 226 -7.36 -9.45 -7.11
C ASP A 226 -6.15 -10.38 -7.31
N ASP A 227 -5.34 -10.08 -8.31
CA ASP A 227 -4.15 -10.86 -8.69
C ASP A 227 -3.11 -10.88 -7.58
N PRO A 228 -2.71 -12.06 -7.09
CA PRO A 228 -1.74 -12.12 -5.98
C PRO A 228 -0.42 -11.40 -6.26
N ALA A 229 -0.03 -11.37 -7.53
CA ALA A 229 1.27 -10.81 -7.91
C ALA A 229 1.37 -9.31 -7.62
N ILE A 230 0.21 -8.67 -7.46
CA ILE A 230 0.18 -7.25 -7.13
C ILE A 230 1.03 -7.00 -5.88
N ASP A 231 0.99 -7.93 -4.94
CA ASP A 231 1.66 -7.75 -3.66
C ASP A 231 3.12 -8.22 -3.68
N MET A 232 3.61 -8.64 -4.83
CA MET A 232 5.01 -9.13 -4.92
C MET A 232 5.89 -8.21 -5.77
N ALA A 233 5.29 -7.32 -6.53
CA ALA A 233 6.04 -6.48 -7.46
C ALA A 233 7.08 -5.63 -6.77
N ALA A 234 6.71 -5.07 -5.62
CA ALA A 234 7.61 -4.15 -4.93
C ALA A 234 8.75 -4.91 -4.29
N HIS A 235 8.52 -6.19 -3.94
CA HIS A 235 9.58 -7.02 -3.37
C HIS A 235 10.66 -7.28 -4.42
N LEU A 236 10.23 -7.53 -5.65
CA LEU A 236 11.16 -7.62 -6.76
C LEU A 236 11.92 -6.31 -6.99
N MET A 237 11.22 -5.18 -6.94
CA MET A 237 11.87 -3.89 -7.15
C MET A 237 12.98 -3.64 -6.12
N VAL A 238 12.72 -3.98 -4.86
CA VAL A 238 13.61 -3.60 -3.74
C VAL A 238 14.72 -4.62 -3.51
N PHE A 239 14.40 -5.89 -3.67
CA PHE A 239 15.29 -6.98 -3.33
C PHE A 239 15.76 -7.80 -4.53
N GLY A 240 15.32 -7.45 -5.73
CA GLY A 240 15.85 -8.03 -6.94
C GLY A 240 15.35 -9.44 -7.23
N GLU A 241 15.86 -10.02 -8.31
CA GLU A 241 15.43 -11.35 -8.69
C GLU A 241 15.83 -12.38 -7.65
N GLU A 242 16.94 -12.17 -6.97
CA GLU A 242 17.36 -13.11 -5.93
C GLU A 242 16.36 -13.11 -4.79
N GLY A 243 15.94 -11.91 -4.38
CA GLY A 243 15.01 -11.76 -3.29
C GLY A 243 13.67 -12.36 -3.67
N LEU A 244 13.29 -12.15 -4.91
CA LEU A 244 12.01 -12.70 -5.38
C LEU A 244 12.07 -14.21 -5.37
N ALA A 245 13.18 -14.78 -5.81
CA ALA A 245 13.30 -16.23 -5.81
C ALA A 245 13.13 -16.79 -4.39
N LYS A 246 13.76 -16.16 -3.41
CA LYS A 246 13.65 -16.63 -2.04
C LYS A 246 12.20 -16.46 -1.54
N LEU A 247 11.59 -15.32 -1.87
CA LEU A 247 10.21 -15.05 -1.48
C LEU A 247 9.32 -16.18 -1.98
N LEU A 248 9.44 -16.51 -3.25
CA LEU A 248 8.50 -17.46 -3.82
C LEU A 248 8.69 -18.88 -3.26
N LEU A 249 9.92 -19.26 -2.95
CA LEU A 249 10.13 -20.59 -2.37
C LEU A 249 9.46 -20.68 -1.00
N THR A 250 9.69 -19.69 -0.16
CA THR A 250 9.12 -19.72 1.17
C THR A 250 7.60 -19.51 1.17
N TYR A 251 7.13 -18.64 0.29
CA TYR A 251 5.69 -18.41 0.17
C TYR A 251 4.98 -19.70 -0.17
N GLU A 252 5.51 -20.43 -1.15
CA GLU A 252 4.92 -21.72 -1.51
C GLU A 252 5.00 -22.73 -0.36
N ALA A 253 6.15 -22.77 0.32
CA ALA A 253 6.31 -23.71 1.42
C ALA A 253 5.31 -23.43 2.54
N ALA A 254 4.91 -22.15 2.66
CA ALA A 254 4.00 -21.71 3.71
C ALA A 254 2.55 -21.89 3.33
N GLY A 255 2.31 -22.42 2.14
CA GLY A 255 0.97 -22.73 1.69
C GLY A 255 0.43 -21.76 0.65
N GLY A 256 1.25 -20.78 0.26
CA GLY A 256 0.88 -19.83 -0.77
C GLY A 256 0.73 -20.51 -2.10
N ARG A 257 -0.34 -20.16 -2.82
CA ARG A 257 -0.64 -20.77 -4.09
C ARG A 257 0.18 -20.09 -5.17
N VAL A 258 0.87 -20.89 -5.96
CA VAL A 258 1.71 -20.35 -7.00
C VAL A 258 1.28 -20.91 -8.35
N TRP A 259 1.91 -20.43 -9.40
CA TRP A 259 1.72 -21.03 -10.72
C TRP A 259 3.04 -20.91 -11.48
N PRO A 260 3.20 -21.70 -12.53
CA PRO A 260 4.55 -21.82 -13.10
C PRO A 260 5.18 -20.51 -13.56
N ARG A 261 4.39 -19.60 -14.11
CA ARG A 261 4.96 -18.36 -14.66
C ARG A 261 4.79 -17.19 -13.70
N LEU A 262 4.61 -17.50 -12.42
CA LEU A 262 4.42 -16.45 -11.41
C LEU A 262 5.56 -15.42 -11.39
N ALA A 263 6.82 -15.87 -11.40
CA ALA A 263 7.93 -14.94 -11.34
C ALA A 263 7.88 -13.99 -12.53
N HIS A 264 7.63 -14.55 -13.71
CA HIS A 264 7.50 -13.75 -14.93
C HIS A 264 6.39 -12.71 -14.79
N HIS A 265 5.23 -13.16 -14.31
CA HIS A 265 4.07 -12.30 -14.13
C HIS A 265 4.37 -11.15 -13.18
N ILE A 266 5.10 -11.43 -12.11
CA ILE A 266 5.46 -10.37 -11.15
C ILE A 266 6.32 -9.29 -11.82
N ALA A 267 7.28 -9.71 -12.64
CA ALA A 267 8.11 -8.76 -13.38
C ALA A 267 7.23 -7.91 -14.31
N GLU A 268 6.25 -8.52 -14.97
CA GLU A 268 5.38 -7.74 -15.82
C GLU A 268 4.51 -6.78 -15.00
N ARG A 269 4.08 -7.22 -13.83
CA ARG A 269 3.30 -6.36 -12.93
C ARG A 269 4.13 -5.17 -12.47
N LEU A 270 5.39 -5.40 -12.21
CA LEU A 270 6.26 -4.31 -11.79
C LEU A 270 6.41 -3.30 -12.94
N ALA A 271 6.61 -3.79 -14.16
CA ALA A 271 6.66 -2.89 -15.31
C ALA A 271 5.38 -2.05 -15.42
N PHE A 272 4.26 -2.69 -15.12
CA PHE A 272 2.95 -2.06 -15.18
C PHE A 272 2.82 -0.96 -14.12
N GLY A 273 3.74 -0.92 -13.16
CA GLY A 273 3.77 0.17 -12.21
C GLY A 273 3.87 1.54 -12.86
N ALA A 274 4.43 1.61 -14.06
CA ALA A 274 4.46 2.88 -14.78
C ALA A 274 3.06 3.39 -15.10
N VAL A 275 2.15 2.48 -15.43
CA VAL A 275 0.74 2.83 -15.66
C VAL A 275 0.09 3.35 -14.38
N THR A 276 0.30 2.62 -13.30
CA THR A 276 -0.24 3.03 -12.02
C THR A 276 0.22 4.43 -11.62
N TYR A 277 1.51 4.67 -11.76
CA TYR A 277 2.07 5.98 -11.43
C TYR A 277 1.46 7.06 -12.32
N ALA A 278 1.39 6.80 -13.63
CA ALA A 278 0.87 7.81 -14.55
C ALA A 278 -0.59 8.16 -14.24
N LEU A 279 -1.41 7.16 -13.92
CA LEU A 279 -2.79 7.42 -13.56
C LEU A 279 -2.92 8.16 -12.24
N PHE A 280 -2.06 7.85 -11.27
CA PHE A 280 -2.01 8.62 -10.03
C PHE A 280 -1.68 10.08 -10.31
N ALA A 281 -0.67 10.29 -11.14
CA ALA A 281 -0.26 11.62 -11.55
C ALA A 281 -1.41 12.37 -12.19
N LEU A 282 -2.05 11.72 -13.15
CA LEU A 282 -3.18 12.30 -13.87
C LEU A 282 -4.32 12.67 -12.92
N ASP A 283 -4.67 11.73 -12.05
CA ASP A 283 -5.77 11.94 -11.10
C ASP A 283 -5.41 12.97 -10.03
N SER A 284 -4.12 13.15 -9.75
CA SER A 284 -3.67 14.13 -8.76
C SER A 284 -3.70 15.56 -9.28
N GLY A 285 -3.53 15.70 -10.60
CA GLY A 285 -3.40 17.00 -11.22
C GLY A 285 -2.10 17.71 -10.87
N ASN A 286 -1.19 17.01 -10.21
CA ASN A 286 0.07 17.63 -9.82
C ASN A 286 1.08 17.63 -10.96
N GLU A 287 1.53 18.83 -11.32
CA GLU A 287 2.36 19.02 -12.50
C GLU A 287 3.72 18.33 -12.34
N GLU A 288 4.23 18.22 -11.12
CA GLU A 288 5.52 17.55 -10.91
C GLU A 288 5.39 16.04 -11.13
N TYR A 289 4.33 15.46 -10.56
CA TYR A 289 4.11 14.04 -10.75
C TYR A 289 3.84 13.79 -12.24
N LEU A 290 3.08 14.66 -12.88
CA LEU A 290 2.78 14.48 -14.31
C LEU A 290 4.06 14.54 -15.13
N ALA A 291 4.95 15.48 -14.80
CA ALA A 291 6.21 15.59 -15.55
C ALA A 291 7.00 14.30 -15.47
N ALA A 292 7.07 13.73 -14.28
CA ALA A 292 7.78 12.50 -14.07
C ALA A 292 7.12 11.36 -14.84
N ALA A 293 5.80 11.32 -14.82
CA ALA A 293 5.08 10.23 -15.46
C ALA A 293 5.29 10.29 -16.96
N LYS A 294 5.15 11.47 -17.53
CA LYS A 294 5.27 11.61 -18.97
C LYS A 294 6.64 11.21 -19.44
N ALA A 295 7.64 11.60 -18.67
CA ALA A 295 9.01 11.26 -19.01
C ALA A 295 9.25 9.76 -18.99
N GLN A 296 8.73 9.09 -17.98
CA GLN A 296 8.88 7.66 -17.84
C GLN A 296 8.17 6.96 -18.99
N LEU A 297 6.94 7.40 -19.28
CA LEU A 297 6.15 6.73 -20.31
C LEU A 297 6.79 6.84 -21.67
N ALA A 298 7.43 7.97 -21.97
CA ALA A 298 7.98 8.20 -23.30
C ALA A 298 9.29 7.50 -23.45
N ALA A 299 9.91 7.20 -22.33
CA ALA A 299 11.22 6.58 -22.31
C ALA A 299 11.12 5.12 -22.68
N ALA A 300 12.12 4.65 -23.40
CA ALA A 300 12.27 3.22 -23.57
C ALA A 300 12.66 2.64 -22.20
N GLU A 301 12.15 1.45 -21.91
CA GLU A 301 12.47 0.77 -20.67
C GLU A 301 13.86 0.19 -20.79
#